data_6HQI
#
_entry.id   6HQI
#
_cell.length_a   60.620
_cell.length_b   54.100
_cell.length_c   69.820
_cell.angle_alpha   90.00
_cell.angle_beta   104.60
_cell.angle_gamma   90.00
#
_symmetry.space_group_name_H-M   'P 1 21 1'
#
loop_
_entity.id
_entity.type
_entity.pdbx_description
1 polymer 'Polyphenol oxidase A, chloroplastic'
2 non-polymer 'COPPER (II) ION'
3 non-polymer 'OXYGEN ATOM'
4 water water
#
_entity_poly.entity_id   1
_entity_poly.type   'polypeptide(L)'
_entity_poly.pdbx_seq_one_letter_code
;APIPPPDLSSCNKPKINATTEVPYFCCAPKPDDMSKVPYYKFPSVTKLRIRPPAHALDEAYIAKYNLAISRMKDLDKTQP
DNPIGFKQQANIHCAYCNGGYSIDGKVLQVHNSWLFFPFHRWYLYFYERILGSLIDDPTFGLPFWNWDHPKGMRFPPMFD
VPGTALYDERRGDQIHNGNFIDLGSFGDQVETTQLQLMTNNLTLMYRQLVTNSPCPLMFFGGPYTLGSTVEAAGTVENIP
HSPVHIWVGTRRGSVLPDGKISNGEDMGNFYSAGLDPLFYCHHSNVDRMWNEWKATGGKRTDLQNKDWLNSEFFFYDENG
NPFKVRVRDCLDTKKMGYDYQPTATPWRNFKPKTKASAGKVNTGSIPPESQVFPLAKLDKAISFSINRPASSRTQQEKNA
QEEVLTFNAIKYDNRDYIRFDVFLNVDNNVNANELDKAEFAGSYTSLPHVHRVGDPKHTATATLRLAITELLEDIGLEDE
DTIAVTLVPKKGDISIGGVEIKLADC
;
_entity_poly.pdbx_strand_id   A
#
loop_
_chem_comp.id
_chem_comp.type
_chem_comp.name
_chem_comp.formula
CU non-polymer 'COPPER (II) ION' 'Cu 2'
O non-polymer 'OXYGEN ATOM' O
#
# COMPACT_ATOMS: atom_id res chain seq x y z
N SER A 35 -0.08 11.69 -32.38
CA SER A 35 0.00 12.40 -31.12
C SER A 35 1.02 13.51 -31.18
N LYS A 36 2.32 13.16 -31.36
CA LYS A 36 3.51 14.05 -31.43
C LYS A 36 3.98 14.81 -30.15
N VAL A 37 3.35 14.53 -29.02
CA VAL A 37 3.64 15.13 -27.73
C VAL A 37 5.08 14.87 -27.29
N PRO A 38 5.82 15.91 -26.94
CA PRO A 38 7.22 15.68 -26.60
C PRO A 38 7.37 14.91 -25.29
N TYR A 39 8.58 14.39 -25.09
CA TYR A 39 8.92 13.82 -23.79
C TYR A 39 9.35 14.93 -22.84
N TYR A 40 9.06 14.73 -21.57
CA TYR A 40 9.30 15.75 -20.56
C TYR A 40 10.80 16.06 -20.45
N LYS A 41 11.12 17.35 -20.40
CA LYS A 41 12.49 17.81 -20.16
C LYS A 41 12.58 18.30 -18.72
N PHE A 42 13.44 17.67 -17.93
CA PHE A 42 13.58 18.06 -16.53
C PHE A 42 14.10 19.48 -16.44
N PRO A 43 13.46 20.34 -15.62
CA PRO A 43 13.85 21.76 -15.62
C PRO A 43 15.12 22.02 -14.84
N SER A 44 15.55 23.25 -14.71
CA SER A 44 16.80 23.14 -14.03
C SER A 44 16.52 23.07 -12.54
N VAL A 45 17.41 22.29 -11.96
CA VAL A 45 17.23 21.92 -10.59
C VAL A 45 18.13 22.73 -9.67
N THR A 46 17.52 23.52 -8.83
CA THR A 46 18.29 24.31 -7.91
C THR A 46 18.27 23.39 -6.73
N LYS A 47 17.92 23.90 -5.58
CA LYS A 47 17.91 23.09 -4.41
C LYS A 47 16.88 21.97 -4.55
N LEU A 48 17.08 20.93 -3.78
CA LEU A 48 16.18 19.83 -3.75
C LEU A 48 14.92 20.21 -2.99
N ARG A 49 13.78 19.73 -3.41
CA ARG A 49 12.53 19.92 -2.70
C ARG A 49 12.58 18.83 -1.62
N ILE A 50 12.22 19.16 -0.40
CA ILE A 50 12.25 18.22 0.71
C ILE A 50 10.83 17.99 1.15
N ARG A 51 10.36 16.75 1.01
CA ARG A 51 9.04 16.38 1.50
C ARG A 51 9.12 16.06 2.98
N PRO A 52 8.42 16.79 3.84
CA PRO A 52 8.55 16.58 5.29
C PRO A 52 7.41 15.74 5.83
N PRO A 53 7.57 15.16 7.02
CA PRO A 53 6.45 14.44 7.65
C PRO A 53 5.31 15.39 7.97
N ALA A 54 4.08 14.89 7.81
CA ALA A 54 2.90 15.75 7.91
C ALA A 54 2.60 16.16 9.35
N HIS A 55 3.02 15.36 10.32
CA HIS A 55 2.71 15.68 11.71
C HIS A 55 3.68 16.72 12.25
N ALA A 56 3.17 17.57 13.14
CA ALA A 56 3.95 18.62 13.82
C ALA A 56 4.71 19.52 12.83
N LEU A 57 4.19 19.65 11.60
CA LEU A 57 4.71 20.66 10.70
C LEU A 57 4.45 22.06 11.26
N ASP A 58 5.32 23.00 10.93
CA ASP A 58 5.18 24.37 11.40
C ASP A 58 3.96 25.04 10.78
N GLU A 59 3.35 25.96 11.53
CA GLU A 59 2.13 26.62 11.07
C GLU A 59 2.35 27.44 9.81
N ALA A 60 3.57 27.92 9.58
CA ALA A 60 3.84 28.67 8.36
C ALA A 60 3.85 27.76 7.14
N TYR A 61 4.32 26.52 7.29
CA TYR A 61 4.24 25.55 6.21
C TYR A 61 2.78 25.20 5.91
N ILE A 62 2.01 24.92 6.95
CA ILE A 62 0.59 24.61 6.77
C ILE A 62 -0.12 25.77 6.08
N ALA A 63 0.27 27.00 6.41
CA ALA A 63 -0.41 28.17 5.85
C ALA A 63 -0.26 28.21 4.32
N LYS A 64 0.95 28.02 3.81
CA LYS A 64 1.08 28.10 2.36
C LYS A 64 0.64 26.84 1.65
N TYR A 65 0.68 25.68 2.31
CA TYR A 65 0.07 24.47 1.75
C TYR A 65 -1.43 24.68 1.55
N ASN A 66 -2.10 25.26 2.56
CA ASN A 66 -3.50 25.64 2.40
C ASN A 66 -3.68 26.66 1.28
N LEU A 67 -2.75 27.60 1.14
CA LEU A 67 -2.89 28.60 0.10
C LEU A 67 -2.79 27.98 -1.29
N ALA A 68 -1.84 27.05 -1.48
CA ALA A 68 -1.71 26.38 -2.77
C ALA A 68 -2.97 25.60 -3.13
N ILE A 69 -3.49 24.83 -2.17
CA ILE A 69 -4.70 24.04 -2.41
C ILE A 69 -5.88 24.96 -2.70
N SER A 70 -5.99 26.06 -1.95
CA SER A 70 -7.06 27.02 -2.18
C SER A 70 -7.03 27.55 -3.61
N ARG A 71 -5.84 27.85 -4.12
CA ARG A 71 -5.73 28.36 -5.48
C ARG A 71 -5.92 27.27 -6.52
N MET A 72 -5.62 26.02 -6.16
CA MET A 72 -5.94 24.91 -7.04
C MET A 72 -7.44 24.70 -7.14
N LYS A 73 -8.14 24.83 -6.00
CA LYS A 73 -9.59 24.67 -6.00
C LYS A 73 -10.30 25.84 -6.69
N ASP A 74 -9.72 27.05 -6.64
CA ASP A 74 -10.32 28.18 -7.32
C ASP A 74 -10.41 27.94 -8.83
N LEU A 75 -9.45 27.21 -9.39
CA LEU A 75 -9.47 26.92 -10.81
C LEU A 75 -10.63 26.04 -11.21
N ASP A 76 -11.19 25.26 -10.27
CA ASP A 76 -12.39 24.48 -10.59
C ASP A 76 -13.53 25.37 -11.05
N LYS A 77 -13.56 26.63 -10.58
CA LYS A 77 -14.60 27.57 -10.93
C LYS A 77 -14.19 28.51 -12.06
N THR A 78 -12.98 29.07 -11.99
CA THR A 78 -12.56 30.03 -13.00
C THR A 78 -12.13 29.38 -14.30
N GLN A 79 -11.52 28.19 -14.25
CA GLN A 79 -11.01 27.51 -15.45
C GLN A 79 -11.24 26.02 -15.32
N PRO A 80 -12.49 25.56 -15.46
CA PRO A 80 -12.80 24.14 -15.18
C PRO A 80 -12.06 23.16 -16.07
N ASP A 81 -11.57 23.57 -17.24
CA ASP A 81 -10.84 22.68 -18.12
C ASP A 81 -9.33 22.93 -18.07
N ASN A 82 -8.85 23.74 -17.14
CA ASN A 82 -7.42 23.88 -16.93
C ASN A 82 -6.90 22.59 -16.31
N PRO A 83 -5.90 21.93 -16.91
CA PRO A 83 -5.48 20.61 -16.41
C PRO A 83 -4.83 20.64 -15.04
N ILE A 84 -4.49 21.81 -14.49
CA ILE A 84 -3.82 21.88 -13.19
C ILE A 84 -4.80 22.15 -12.05
N GLY A 85 -6.08 22.35 -12.34
CA GLY A 85 -7.06 22.60 -11.31
C GLY A 85 -7.30 21.39 -10.42
N PHE A 86 -7.98 21.66 -9.30
CA PHE A 86 -8.15 20.64 -8.26
C PHE A 86 -8.91 19.42 -8.77
N LYS A 87 -10.08 19.64 -9.37
CA LYS A 87 -10.88 18.53 -9.85
C LYS A 87 -10.19 17.81 -11.01
N GLN A 88 -9.53 18.56 -11.90
CA GLN A 88 -8.86 17.92 -13.03
C GLN A 88 -7.71 17.06 -12.58
N GLN A 89 -6.97 17.49 -11.54
CA GLN A 89 -5.91 16.65 -10.99
C GLN A 89 -6.48 15.42 -10.32
N ALA A 90 -7.61 15.57 -9.60
CA ALA A 90 -8.28 14.42 -9.02
C ALA A 90 -8.73 13.43 -10.09
N ASN A 91 -9.13 13.93 -11.26
CA ASN A 91 -9.60 13.05 -12.32
C ASN A 91 -8.48 12.24 -12.96
N ILE A 92 -7.22 12.61 -12.73
CA ILE A 92 -6.10 11.80 -13.22
C ILE A 92 -6.16 10.41 -12.60
N HIS A 93 -6.46 10.30 -11.32
CA HIS A 93 -6.53 8.98 -10.68
C HIS A 93 -7.77 8.23 -11.14
N CYS A 94 -8.84 8.96 -11.41
CA CYS A 94 -10.13 8.43 -11.80
C CYS A 94 -10.26 8.15 -13.31
N ALA A 95 -9.18 8.34 -14.03
CA ALA A 95 -9.12 8.11 -15.44
C ALA A 95 -8.09 7.03 -15.61
N TYR A 96 -6.97 7.18 -14.94
CA TYR A 96 -5.96 6.15 -15.03
C TYR A 96 -6.36 5.01 -14.14
N GLN A 109 -4.69 0.04 -17.24
CA GLN A 109 -4.72 -0.72 -16.03
C GLN A 109 -3.45 -0.44 -15.24
N VAL A 110 -3.41 0.73 -14.60
CA VAL A 110 -2.26 1.16 -13.85
C VAL A 110 -2.18 0.61 -12.44
N HIS A 111 -3.31 0.21 -11.93
CA HIS A 111 -3.41 -0.34 -10.58
C HIS A 111 -3.33 -1.86 -10.59
N ASN A 112 -2.95 -2.42 -9.45
CA ASN A 112 -2.75 -3.86 -9.28
C ASN A 112 -1.73 -4.40 -10.27
N SER A 113 -0.67 -3.60 -10.52
CA SER A 113 0.36 -3.99 -11.47
C SER A 113 1.67 -3.32 -11.07
N TRP A 114 2.75 -3.71 -11.76
CA TRP A 114 4.05 -3.10 -11.48
C TRP A 114 4.13 -1.65 -11.93
N LEU A 115 3.09 -1.12 -12.58
CA LEU A 115 3.03 0.29 -12.93
C LEU A 115 2.56 1.16 -11.78
N PHE A 116 2.18 0.57 -10.65
CA PHE A 116 1.60 1.32 -9.54
C PHE A 116 2.56 2.39 -9.02
N PHE A 117 3.75 1.98 -8.60
CA PHE A 117 4.69 2.95 -8.02
C PHE A 117 5.14 4.02 -9.01
N PRO A 118 5.59 3.70 -10.23
CA PRO A 118 6.06 4.79 -11.11
C PRO A 118 4.97 5.74 -11.56
N PHE A 119 3.75 5.25 -11.81
CA PHE A 119 2.68 6.15 -12.21
C PHE A 119 2.44 7.22 -11.14
N HIS A 120 2.27 6.80 -9.89
CA HIS A 120 1.96 7.74 -8.83
C HIS A 120 3.13 8.65 -8.49
N ARG A 121 4.36 8.20 -8.75
CA ARG A 121 5.51 9.09 -8.58
C ARG A 121 5.45 10.25 -9.56
N TRP A 122 5.25 9.94 -10.84
CA TRP A 122 5.09 11.01 -11.84
C TRP A 122 3.84 11.83 -11.56
N TYR A 123 2.74 11.17 -11.20
CA TYR A 123 1.51 11.85 -10.81
C TYR A 123 1.79 12.90 -9.74
N LEU A 124 2.42 12.50 -8.64
CA LEU A 124 2.73 13.43 -7.56
C LEU A 124 3.83 14.41 -7.94
N TYR A 125 4.70 14.04 -8.89
CA TYR A 125 5.74 14.97 -9.33
C TYR A 125 5.13 16.25 -9.90
N PHE A 126 4.24 16.12 -10.88
CA PHE A 126 3.61 17.30 -11.46
C PHE A 126 2.63 17.95 -10.49
N TYR A 127 1.96 17.14 -9.67
CA TYR A 127 1.06 17.70 -8.65
C TYR A 127 1.82 18.61 -7.70
N GLU A 128 2.99 18.17 -7.23
CA GLU A 128 3.80 18.99 -6.35
C GLU A 128 4.28 20.26 -7.05
N ARG A 129 4.70 20.15 -8.32
CA ARG A 129 5.16 21.33 -9.04
C ARG A 129 4.03 22.33 -9.24
N ILE A 130 2.81 21.84 -9.45
CA ILE A 130 1.67 22.74 -9.61
C ILE A 130 1.43 23.51 -8.33
N LEU A 131 1.46 22.83 -7.18
CA LEU A 131 1.24 23.51 -5.91
C LEU A 131 2.27 24.61 -5.68
N GLY A 132 3.54 24.30 -5.93
CA GLY A 132 4.58 25.30 -5.72
C GLY A 132 4.43 26.49 -6.64
N SER A 133 4.02 26.24 -7.89
CA SER A 133 3.91 27.33 -8.86
C SER A 133 2.74 28.24 -8.56
N LEU A 134 1.68 27.71 -7.94
CA LEU A 134 0.52 28.53 -7.61
C LEU A 134 0.79 29.51 -6.48
N ILE A 135 1.85 29.31 -5.70
CA ILE A 135 2.21 30.24 -4.65
C ILE A 135 3.62 30.80 -4.86
N ASP A 136 4.17 30.66 -6.07
CA ASP A 136 5.50 31.17 -6.41
C ASP A 136 6.57 30.62 -5.47
N ASP A 137 6.48 29.31 -5.18
CA ASP A 137 7.39 28.62 -4.28
C ASP A 137 8.00 27.44 -5.04
N PRO A 138 9.12 27.63 -5.73
CA PRO A 138 9.67 26.56 -6.58
C PRO A 138 10.29 25.41 -5.79
N THR A 139 10.41 25.51 -4.47
CA THR A 139 10.94 24.40 -3.67
C THR A 139 9.89 23.78 -2.75
N PHE A 140 8.62 24.07 -2.98
CA PHE A 140 7.57 23.52 -2.12
C PHE A 140 7.63 21.99 -2.14
N GLY A 141 7.63 21.40 -0.94
CA GLY A 141 7.66 19.95 -0.79
C GLY A 141 6.31 19.43 -0.31
N LEU A 142 5.82 18.42 -1.00
CA LEU A 142 4.56 17.77 -0.63
C LEU A 142 4.76 16.92 0.61
N PRO A 143 4.10 17.23 1.73
CA PRO A 143 4.32 16.45 2.96
C PRO A 143 3.87 15.00 2.80
N PHE A 144 4.43 14.14 3.64
CA PHE A 144 4.05 12.73 3.64
C PHE A 144 3.43 12.34 4.96
N TRP A 145 2.30 11.63 4.90
CA TRP A 145 1.67 11.08 6.08
C TRP A 145 2.52 9.92 6.60
N ASN A 146 3.23 10.16 7.69
CA ASN A 146 4.21 9.24 8.25
C ASN A 146 3.54 8.08 8.99
N TRP A 147 2.61 7.37 8.34
CA TRP A 147 1.84 6.37 9.08
C TRP A 147 2.63 5.11 9.37
N ASP A 148 3.89 5.02 8.95
CA ASP A 148 4.73 3.89 9.31
C ASP A 148 5.52 4.14 10.60
N HIS A 149 5.44 5.35 11.15
CA HIS A 149 6.11 5.75 12.37
C HIS A 149 5.08 6.02 13.47
N PRO A 150 5.32 5.56 14.69
CA PRO A 150 4.33 5.76 15.76
C PRO A 150 3.92 7.22 15.95
N LYS A 151 4.82 8.18 15.72
CA LYS A 151 4.47 9.59 15.87
C LYS A 151 3.61 10.13 14.73
N GLY A 152 3.54 9.43 13.60
CA GLY A 152 2.70 9.83 12.50
C GLY A 152 1.48 8.96 12.25
N MET A 153 1.10 8.09 13.19
CA MET A 153 0.01 7.15 12.96
C MET A 153 -1.36 7.71 13.30
N ARG A 154 -1.44 8.89 13.88
CA ARG A 154 -2.76 9.51 14.00
C ARG A 154 -3.10 10.26 12.71
N PHE A 155 -4.36 10.62 12.58
CA PHE A 155 -4.76 11.51 11.50
C PHE A 155 -3.97 12.81 11.64
N PRO A 156 -3.36 13.31 10.56
CA PRO A 156 -2.52 14.52 10.69
C PRO A 156 -3.40 15.72 11.04
N PRO A 157 -3.08 16.42 12.13
CA PRO A 157 -3.97 17.49 12.60
C PRO A 157 -4.24 18.56 11.56
N MET A 158 -3.26 18.89 10.71
CA MET A 158 -3.42 19.98 9.76
C MET A 158 -4.56 19.70 8.77
N PHE A 159 -4.85 18.42 8.50
CA PHE A 159 -5.94 18.07 7.60
C PHE A 159 -7.29 18.09 8.29
N ASP A 160 -7.33 18.11 9.62
CA ASP A 160 -8.57 18.04 10.38
C ASP A 160 -9.00 19.40 10.91
N VAL A 161 -8.61 20.48 10.25
CA VAL A 161 -9.04 21.81 10.68
C VAL A 161 -10.19 22.25 9.79
N PRO A 162 -11.45 22.17 10.27
CA PRO A 162 -12.57 22.59 9.43
C PRO A 162 -12.45 24.06 9.02
N GLY A 163 -12.95 24.36 7.83
CA GLY A 163 -12.87 25.70 7.31
C GLY A 163 -11.58 26.04 6.61
N THR A 164 -10.62 25.12 6.54
CA THR A 164 -9.39 25.32 5.78
C THR A 164 -9.43 24.50 4.49
N ALA A 165 -8.53 24.84 3.58
CA ALA A 165 -8.52 24.23 2.26
C ALA A 165 -8.16 22.75 2.31
N LEU A 166 -7.37 22.33 3.30
CA LEU A 166 -6.98 20.92 3.43
C LEU A 166 -8.08 20.04 4.00
N TYR A 167 -9.14 20.62 4.53
CA TYR A 167 -10.19 19.85 5.19
C TYR A 167 -11.09 19.17 4.17
N ASP A 168 -11.64 18.03 4.56
CA ASP A 168 -12.62 17.31 3.76
C ASP A 168 -13.64 16.71 4.71
N GLU A 169 -14.90 17.14 4.61
CA GLU A 169 -15.92 16.59 5.49
C GLU A 169 -16.24 15.14 5.16
N ARG A 170 -15.93 14.70 3.94
CA ARG A 170 -16.25 13.34 3.51
C ARG A 170 -15.13 12.40 3.96
N ARG A 171 -15.06 12.22 5.27
CA ARG A 171 -14.12 11.30 5.90
C ARG A 171 -14.86 10.54 6.98
N GLY A 172 -14.34 9.36 7.31
CA GLY A 172 -14.94 8.52 8.33
C GLY A 172 -14.81 9.11 9.72
N ASP A 173 -15.42 8.41 10.68
CA ASP A 173 -15.50 8.87 12.06
C ASP A 173 -14.41 8.29 12.96
N GLN A 174 -13.93 7.08 12.68
CA GLN A 174 -12.91 6.48 13.55
C GLN A 174 -11.53 7.13 13.40
N ILE A 175 -11.41 8.24 12.65
CA ILE A 175 -10.13 8.91 12.48
C ILE A 175 -9.84 9.93 13.57
N HIS A 176 -10.81 10.26 14.41
CA HIS A 176 -10.68 11.29 15.41
C HIS A 176 -10.36 10.67 16.77
N ASN A 177 -10.61 11.42 17.85
CA ASN A 177 -10.44 10.97 19.23
C ASN A 177 -9.01 10.51 19.53
N GLY A 178 -8.04 10.95 18.76
CA GLY A 178 -6.67 10.52 18.97
C GLY A 178 -6.40 9.07 18.64
N ASN A 179 -7.27 8.44 17.86
CA ASN A 179 -7.08 7.04 17.50
C ASN A 179 -5.90 6.88 16.54
N PHE A 180 -5.13 5.81 16.74
CA PHE A 180 -4.13 5.44 15.75
C PHE A 180 -4.79 4.89 14.50
N ILE A 181 -4.13 5.11 13.36
CA ILE A 181 -4.55 4.46 12.13
C ILE A 181 -4.47 2.94 12.31
N ASP A 182 -5.33 2.22 11.58
CA ASP A 182 -5.27 0.76 11.50
C ASP A 182 -4.75 0.42 10.10
N LEU A 183 -3.48 0.04 10.03
CA LEU A 183 -2.88 -0.29 8.74
C LEU A 183 -3.41 -1.59 8.16
N GLY A 184 -4.27 -2.31 8.88
CA GLY A 184 -4.94 -3.46 8.32
C GLY A 184 -6.46 -3.28 8.33
N SER A 185 -6.91 -2.02 8.29
CA SER A 185 -8.34 -1.75 8.38
C SER A 185 -9.08 -2.39 7.22
N PHE A 186 -10.27 -2.93 7.52
CA PHE A 186 -11.21 -3.40 6.51
C PHE A 186 -12.57 -2.76 6.69
N GLY A 187 -12.61 -1.58 7.32
CA GLY A 187 -13.82 -0.79 7.41
C GLY A 187 -14.49 -0.81 8.77
N ASP A 188 -14.06 -1.67 9.69
CA ASP A 188 -14.69 -1.77 10.99
C ASP A 188 -13.90 -1.01 12.04
N GLN A 189 -14.49 -0.89 13.22
CA GLN A 189 -13.78 -0.32 14.35
C GLN A 189 -12.67 -1.29 14.81
N VAL A 190 -11.61 -0.71 15.36
CA VAL A 190 -10.52 -1.52 15.87
C VAL A 190 -11.02 -2.36 17.04
N GLU A 191 -10.66 -3.64 17.04
CA GLU A 191 -11.13 -4.58 18.05
C GLU A 191 -10.07 -4.89 19.11
N THR A 192 -8.92 -4.23 19.06
CA THR A 192 -7.85 -4.47 20.00
C THR A 192 -7.57 -3.19 20.79
N THR A 193 -6.67 -3.31 21.78
CA THR A 193 -6.17 -2.14 22.47
C THR A 193 -5.32 -1.30 21.51
N GLN A 194 -5.10 -0.03 21.89
CA GLN A 194 -4.24 0.81 21.08
C GLN A 194 -2.80 0.30 21.08
N LEU A 195 -2.35 -0.34 22.17
CA LEU A 195 -1.01 -0.91 22.22
C LEU A 195 -0.87 -2.07 21.23
N GLN A 196 -1.84 -2.99 21.22
CA GLN A 196 -1.79 -4.08 20.27
C GLN A 196 -1.97 -3.57 18.84
N LEU A 197 -2.81 -2.54 18.67
CA LEU A 197 -2.94 -1.90 17.37
C LEU A 197 -1.60 -1.39 16.87
N MET A 198 -0.89 -0.64 17.72
CA MET A 198 0.44 -0.17 17.37
C MET A 198 1.36 -1.35 17.01
N THR A 199 1.31 -2.40 17.83
CA THR A 199 2.16 -3.56 17.58
C THR A 199 1.84 -4.21 16.24
N ASN A 200 0.54 -4.34 15.91
CA ASN A 200 0.14 -4.92 14.64
C ASN A 200 0.56 -4.04 13.47
N ASN A 201 0.37 -2.73 13.60
CA ASN A 201 0.75 -1.80 12.53
C ASN A 201 2.22 -1.97 12.18
N LEU A 202 3.10 -1.98 13.19
CA LEU A 202 4.52 -2.08 12.93
C LEU A 202 4.91 -3.47 12.45
N THR A 203 4.19 -4.51 12.86
CA THR A 203 4.42 -5.84 12.33
C THR A 203 4.02 -5.91 10.87
N LEU A 204 2.87 -5.32 10.51
CA LEU A 204 2.45 -5.29 9.11
C LEU A 204 3.48 -4.57 8.25
N MET A 205 3.99 -3.44 8.73
CA MET A 205 5.04 -2.72 8.01
C MET A 205 6.24 -3.63 7.76
N TYR A 206 6.72 -4.31 8.81
CA TYR A 206 7.88 -5.18 8.65
C TYR A 206 7.61 -6.28 7.64
N ARG A 207 6.45 -6.93 7.75
CA ARG A 207 6.12 -8.00 6.83
C ARG A 207 6.01 -7.48 5.39
N GLN A 208 5.48 -6.27 5.22
CA GLN A 208 5.22 -5.76 3.87
C GLN A 208 6.44 -5.12 3.23
N LEU A 209 7.30 -4.46 4.01
CA LEU A 209 8.48 -3.82 3.45
C LEU A 209 9.74 -4.68 3.51
N VAL A 210 9.75 -5.71 4.35
CA VAL A 210 10.92 -6.58 4.46
C VAL A 210 10.57 -7.99 4.01
N THR A 211 9.83 -8.72 4.85
CA THR A 211 9.62 -10.15 4.66
C THR A 211 9.09 -10.46 3.26
N ASN A 212 7.96 -9.87 2.90
CA ASN A 212 7.24 -10.24 1.69
C ASN A 212 7.66 -9.46 0.45
N SER A 213 8.68 -8.60 0.56
CA SER A 213 9.22 -7.90 -0.61
C SER A 213 10.73 -8.08 -0.68
N PRO A 214 11.21 -9.33 -0.80
CA PRO A 214 12.67 -9.54 -0.89
C PRO A 214 13.22 -9.25 -2.27
N CYS A 215 12.38 -9.20 -3.29
CA CYS A 215 12.79 -9.05 -4.68
C CYS A 215 11.84 -8.08 -5.36
N PRO A 216 12.25 -7.48 -6.48
CA PRO A 216 11.44 -6.40 -7.06
C PRO A 216 10.02 -6.80 -7.44
N LEU A 217 9.81 -7.96 -8.06
CA LEU A 217 8.48 -8.27 -8.58
C LEU A 217 7.44 -8.38 -7.47
N MET A 218 7.84 -8.81 -6.28
CA MET A 218 6.90 -8.87 -5.17
C MET A 218 6.65 -7.50 -4.56
N PHE A 219 7.62 -6.59 -4.67
CA PHE A 219 7.40 -5.23 -4.15
C PHE A 219 6.56 -4.41 -5.12
N PHE A 220 6.95 -4.37 -6.40
CA PHE A 220 6.27 -3.53 -7.38
C PHE A 220 4.96 -4.14 -7.87
N GLY A 221 4.86 -5.46 -7.90
CA GLY A 221 3.74 -6.15 -8.48
C GLY A 221 4.11 -6.79 -9.81
N GLY A 222 3.11 -7.42 -10.43
CA GLY A 222 3.29 -8.10 -11.68
C GLY A 222 2.94 -7.25 -12.88
N PRO A 223 3.40 -7.67 -14.07
CA PRO A 223 3.15 -7.00 -15.35
C PRO A 223 1.66 -6.81 -15.65
N SER A 228 -5.52 -9.70 -18.71
CA SER A 228 -6.54 -10.46 -18.03
C SER A 228 -7.05 -9.71 -16.79
N THR A 229 -8.08 -10.26 -16.16
CA THR A 229 -8.68 -9.65 -14.97
C THR A 229 -8.00 -10.08 -13.67
N VAL A 230 -6.91 -10.85 -13.76
CA VAL A 230 -6.21 -11.31 -12.57
C VAL A 230 -5.38 -10.16 -12.01
N GLU A 231 -5.66 -9.78 -10.77
CA GLU A 231 -4.96 -8.67 -10.14
C GLU A 231 -3.62 -9.13 -9.58
N ALA A 232 -2.56 -8.39 -9.90
CA ALA A 232 -1.20 -8.71 -9.49
C ALA A 232 -0.59 -7.50 -8.79
N ALA A 233 -1.14 -7.16 -7.62
CA ALA A 233 -0.62 -6.05 -6.83
C ALA A 233 0.60 -6.50 -6.03
N GLY A 234 1.52 -5.57 -5.81
CA GLY A 234 2.67 -5.82 -4.97
C GLY A 234 2.29 -5.78 -3.51
N THR A 235 3.32 -5.78 -2.66
CA THR A 235 3.09 -5.78 -1.22
C THR A 235 2.39 -4.50 -0.77
N VAL A 236 3.03 -3.35 -1.02
CA VAL A 236 2.53 -2.09 -0.46
C VAL A 236 1.16 -1.74 -1.01
N GLU A 237 0.96 -1.93 -2.32
CA GLU A 237 -0.33 -1.58 -2.90
C GLU A 237 -1.47 -2.32 -2.21
N ASN A 238 -1.21 -3.54 -1.77
CA ASN A 238 -2.15 -4.30 -0.95
C ASN A 238 -2.23 -3.68 0.44
N ILE A 239 -1.18 -3.85 1.22
CA ILE A 239 -1.12 -3.32 2.58
C ILE A 239 0.22 -2.64 2.75
N PRO A 240 0.22 -1.41 3.30
CA PRO A 240 -0.88 -0.66 3.92
C PRO A 240 -1.65 0.32 3.02
N HIS A 241 -1.35 0.37 1.72
CA HIS A 241 -1.99 1.35 0.85
C HIS A 241 -3.51 1.26 0.90
N SER A 242 -4.07 0.07 0.66
CA SER A 242 -5.53 -0.04 0.62
C SER A 242 -6.19 0.27 1.96
N PRO A 243 -5.75 -0.26 3.11
CA PRO A 243 -6.43 0.08 4.37
C PRO A 243 -6.42 1.57 4.72
N VAL A 244 -5.41 2.34 4.30
CA VAL A 244 -5.41 3.77 4.62
C VAL A 244 -6.58 4.45 3.93
N HIS A 245 -6.81 4.13 2.65
CA HIS A 245 -7.98 4.60 1.93
C HIS A 245 -9.27 4.26 2.68
N ILE A 246 -9.37 3.00 3.11
CA ILE A 246 -10.58 2.54 3.79
C ILE A 246 -10.78 3.29 5.10
N TRP A 247 -9.71 3.43 5.87
CA TRP A 247 -9.81 4.01 7.21
C TRP A 247 -10.19 5.49 7.16
N VAL A 248 -9.74 6.22 6.14
CA VAL A 248 -10.03 7.65 6.05
C VAL A 248 -11.43 7.89 5.49
N GLY A 249 -11.85 7.08 4.52
CA GLY A 249 -13.09 7.35 3.82
C GLY A 249 -14.33 7.18 4.69
N THR A 250 -15.46 7.64 4.22
CA THR A 250 -16.70 7.44 4.93
C THR A 250 -17.09 5.98 4.81
N ARG A 251 -17.88 5.50 5.74
CA ARG A 251 -18.32 4.13 5.73
C ARG A 251 -19.32 3.88 4.62
N ARG A 252 -19.06 2.90 3.79
CA ARG A 252 -19.94 2.62 2.69
C ARG A 252 -21.30 2.24 3.26
N GLY A 253 -22.34 2.79 2.67
CA GLY A 253 -23.68 2.54 3.14
C GLY A 253 -24.14 3.66 4.06
N SER A 254 -23.23 4.46 4.56
CA SER A 254 -23.59 5.59 5.41
C SER A 254 -24.19 6.74 4.57
N VAL A 255 -24.84 7.67 5.21
CA VAL A 255 -25.44 8.80 4.50
C VAL A 255 -24.49 9.97 4.55
N LEU A 256 -24.14 10.47 3.38
CA LEU A 256 -23.14 11.50 3.17
C LEU A 256 -23.58 12.86 3.59
N PRO A 257 -22.75 13.87 3.31
CA PRO A 257 -23.08 15.26 3.61
C PRO A 257 -24.32 15.49 2.82
N ASP A 258 -25.32 16.16 3.37
CA ASP A 258 -26.57 16.27 2.65
C ASP A 258 -27.06 14.81 2.63
N GLY A 259 -27.26 14.23 1.45
CA GLY A 259 -27.64 12.84 1.37
C GLY A 259 -27.33 12.10 0.09
N LYS A 260 -26.78 10.92 0.23
CA LYS A 260 -26.57 9.98 -0.86
C LYS A 260 -26.15 8.91 0.07
N ILE A 261 -26.15 7.67 -0.34
CA ILE A 261 -25.73 6.62 0.56
C ILE A 261 -24.29 6.68 0.23
N SER A 262 -23.44 6.85 1.22
CA SER A 262 -22.05 6.87 0.89
C SER A 262 -21.64 5.58 0.24
N ASN A 263 -20.71 5.74 -0.67
CA ASN A 263 -20.02 4.72 -1.36
C ASN A 263 -18.58 4.76 -0.91
N GLY A 264 -18.31 5.39 0.22
CA GLY A 264 -16.96 5.52 0.71
C GLY A 264 -16.21 6.80 0.41
N GLU A 265 -16.87 7.75 -0.22
CA GLU A 265 -16.25 9.06 -0.54
C GLU A 265 -15.67 9.69 0.74
N ASP A 266 -14.53 10.37 0.62
CA ASP A 266 -13.81 10.48 -0.64
C ASP A 266 -12.72 9.40 -0.75
N MET A 267 -11.86 9.29 0.27
CA MET A 267 -10.70 8.42 0.18
C MET A 267 -11.08 6.94 0.03
N GLY A 268 -12.22 6.54 0.59
CA GLY A 268 -12.59 5.14 0.55
C GLY A 268 -13.25 4.67 -0.72
N ASN A 269 -13.35 5.53 -1.74
CA ASN A 269 -13.79 5.09 -3.06
C ASN A 269 -12.77 5.53 -4.10
N PHE A 270 -12.41 4.64 -5.01
CA PHE A 270 -11.36 4.92 -5.99
C PHE A 270 -11.61 6.13 -6.88
N TYR A 271 -12.86 6.38 -7.21
CA TYR A 271 -13.10 7.46 -8.17
C TYR A 271 -13.02 8.83 -7.54
N SER A 272 -13.33 8.95 -6.24
CA SER A 272 -13.37 10.23 -5.55
C SER A 272 -12.19 10.46 -4.62
N ALA A 273 -11.23 9.54 -4.59
CA ALA A 273 -10.13 9.63 -3.62
C ALA A 273 -9.33 10.92 -3.80
N GLY A 274 -9.11 11.33 -5.05
CA GLY A 274 -8.36 12.54 -5.33
C GLY A 274 -9.04 13.82 -4.89
N LEU A 275 -10.31 13.77 -4.53
CA LEU A 275 -11.02 14.94 -4.03
C LEU A 275 -10.66 15.28 -2.60
N ASP A 276 -9.95 14.39 -1.90
CA ASP A 276 -9.44 14.67 -0.56
C ASP A 276 -7.99 15.12 -0.68
N PRO A 277 -7.64 16.32 -0.23
CA PRO A 277 -6.21 16.71 -0.26
C PRO A 277 -5.30 15.71 0.43
N LEU A 278 -5.80 14.99 1.43
CA LEU A 278 -4.97 14.01 2.12
C LEU A 278 -4.53 12.87 1.21
N PHE A 279 -5.26 12.63 0.11
CA PHE A 279 -4.91 11.57 -0.83
C PHE A 279 -3.46 11.68 -1.27
N TYR A 280 -3.03 12.89 -1.63
CA TYR A 280 -1.68 13.10 -2.13
C TYR A 280 -0.66 12.97 -1.01
N CYS A 281 -1.03 13.41 0.21
CA CYS A 281 -0.15 13.24 1.36
C CYS A 281 0.05 11.77 1.70
N HIS A 282 -1.01 10.97 1.61
CA HIS A 282 -0.85 9.52 1.76
C HIS A 282 0.07 8.96 0.69
N HIS A 283 -0.17 9.33 -0.58
CA HIS A 283 0.67 8.81 -1.65
C HIS A 283 2.09 9.31 -1.58
N SER A 284 2.33 10.45 -0.92
CA SER A 284 3.69 10.89 -0.71
C SER A 284 4.46 9.88 0.14
N ASN A 285 3.82 9.34 1.18
CA ASN A 285 4.50 8.32 1.97
C ASN A 285 4.60 7.00 1.22
N VAL A 286 3.59 6.67 0.40
CA VAL A 286 3.69 5.51 -0.47
C VAL A 286 4.90 5.65 -1.38
N ASP A 287 5.06 6.84 -1.96
CA ASP A 287 6.24 7.10 -2.78
C ASP A 287 7.51 6.96 -1.95
N ARG A 288 7.47 7.45 -0.70
CA ARG A 288 8.62 7.31 0.19
C ARG A 288 8.95 5.84 0.48
N MET A 289 7.94 4.96 0.53
CA MET A 289 8.20 3.54 0.77
C MET A 289 9.10 2.95 -0.29
N TRP A 290 8.94 3.37 -1.54
CA TRP A 290 9.82 2.94 -2.62
C TRP A 290 11.27 3.29 -2.30
N ASN A 291 11.52 4.53 -1.85
CA ASN A 291 12.87 4.92 -1.49
C ASN A 291 13.40 4.11 -0.32
N GLU A 292 12.57 3.94 0.73
CA GLU A 292 13.02 3.20 1.91
C GLU A 292 13.24 1.74 1.61
N TRP A 293 12.46 1.17 0.68
CA TRP A 293 12.64 -0.23 0.30
C TRP A 293 14.00 -0.46 -0.35
N LYS A 294 14.42 0.45 -1.23
CA LYS A 294 15.72 0.33 -1.90
C LYS A 294 16.90 0.66 -0.99
N ALA A 295 16.66 1.26 0.17
CA ALA A 295 17.75 1.81 0.97
C ALA A 295 18.76 0.75 1.41
N THR A 296 18.31 -0.48 1.65
CA THR A 296 19.20 -1.52 2.14
C THR A 296 19.88 -2.31 1.02
N GLY A 297 19.60 -1.98 -0.25
CA GLY A 297 20.34 -2.59 -1.35
C GLY A 297 20.04 -4.07 -1.54
N GLY A 298 21.06 -4.81 -1.95
CA GLY A 298 20.90 -6.23 -2.23
C GLY A 298 19.96 -6.44 -3.41
N LYS A 299 19.04 -7.40 -3.25
CA LYS A 299 18.07 -7.68 -4.30
C LYS A 299 16.98 -6.60 -4.40
N ARG A 300 16.86 -5.73 -3.41
CA ARG A 300 15.82 -4.70 -3.43
C ARG A 300 16.30 -3.53 -4.27
N THR A 301 16.26 -3.72 -5.58
CA THR A 301 16.57 -2.70 -6.57
C THR A 301 15.39 -2.52 -7.51
N ASP A 302 15.49 -1.54 -8.40
CA ASP A 302 14.44 -1.29 -9.37
C ASP A 302 14.37 -2.43 -10.38
N LEU A 303 13.16 -2.65 -10.90
CA LEU A 303 12.97 -3.62 -11.97
C LEU A 303 13.83 -3.24 -13.17
N GLN A 304 14.58 -4.21 -13.68
CA GLN A 304 15.46 -3.99 -14.82
C GLN A 304 14.83 -4.40 -16.14
N ASN A 305 13.60 -4.90 -16.11
CA ASN A 305 12.93 -5.34 -17.34
C ASN A 305 12.72 -4.16 -18.28
N LYS A 306 13.04 -4.37 -19.57
CA LYS A 306 12.96 -3.28 -20.54
C LYS A 306 11.53 -2.84 -20.78
N ASP A 307 10.58 -3.78 -20.76
CA ASP A 307 9.18 -3.42 -20.96
C ASP A 307 8.68 -2.51 -19.83
N TRP A 308 9.16 -2.73 -18.62
CA TRP A 308 8.79 -1.88 -17.50
C TRP A 308 9.48 -0.53 -17.59
N LEU A 309 10.79 -0.52 -17.88
CA LEU A 309 11.55 0.73 -17.91
C LEU A 309 11.04 1.66 -19.00
N ASN A 310 10.64 1.11 -20.14
CA ASN A 310 10.24 1.92 -21.28
C ASN A 310 8.73 2.17 -21.35
N SER A 311 7.98 1.76 -20.34
CA SER A 311 6.56 2.09 -20.29
C SER A 311 6.38 3.59 -20.11
N GLU A 312 5.31 4.12 -20.71
CA GLU A 312 5.10 5.56 -20.78
C GLU A 312 3.77 5.97 -20.16
N PHE A 313 3.74 7.17 -19.60
CA PHE A 313 2.53 7.79 -19.10
C PHE A 313 2.35 9.16 -19.76
N PHE A 314 1.18 9.76 -19.55
CA PHE A 314 0.86 11.08 -20.07
C PHE A 314 0.49 11.99 -18.91
N PHE A 315 1.09 13.19 -18.88
CA PHE A 315 0.78 14.16 -17.84
C PHE A 315 0.94 15.57 -18.37
N TYR A 316 0.09 16.47 -17.88
CA TYR A 316 0.26 17.90 -18.10
C TYR A 316 1.14 18.46 -17.01
N ASP A 317 2.06 19.35 -17.39
CA ASP A 317 2.93 19.98 -16.40
C ASP A 317 2.23 21.20 -15.81
N GLU A 318 2.93 21.91 -14.93
CA GLU A 318 2.32 23.03 -14.22
C GLU A 318 2.01 24.22 -15.13
N ASN A 319 2.55 24.23 -16.34
CA ASN A 319 2.22 25.26 -17.32
C ASN A 319 1.08 24.84 -18.24
N GLY A 320 0.46 23.69 -17.97
CA GLY A 320 -0.60 23.18 -18.82
C GLY A 320 -0.13 22.58 -20.12
N ASN A 321 1.15 22.19 -20.21
CA ASN A 321 1.68 21.63 -21.44
C ASN A 321 1.73 20.11 -21.36
N PRO A 322 1.39 19.42 -22.46
CA PRO A 322 1.33 17.96 -22.42
C PRO A 322 2.70 17.33 -22.65
N PHE A 323 2.95 16.25 -21.92
CA PHE A 323 4.22 15.54 -22.02
C PHE A 323 4.00 14.05 -21.86
N LYS A 324 4.90 13.27 -22.48
CA LYS A 324 5.03 11.85 -22.21
C LYS A 324 6.22 11.64 -21.28
N VAL A 325 6.09 10.67 -20.37
CA VAL A 325 7.15 10.38 -19.42
C VAL A 325 7.39 8.87 -19.41
N ARG A 326 8.65 8.50 -19.13
CA ARG A 326 9.05 7.10 -19.07
C ARG A 326 9.22 6.65 -17.62
N VAL A 327 9.00 5.36 -17.38
CA VAL A 327 9.21 4.80 -16.05
C VAL A 327 10.68 4.89 -15.67
N ARG A 328 11.58 4.66 -16.64
CA ARG A 328 13.01 4.70 -16.36
C ARG A 328 13.49 6.06 -15.87
N ASP A 329 12.73 7.12 -16.12
CA ASP A 329 13.19 8.46 -15.79
C ASP A 329 12.69 8.96 -14.43
N CYS A 330 12.01 8.11 -13.65
CA CYS A 330 11.60 8.50 -12.30
C CYS A 330 12.24 7.63 -11.23
N LEU A 331 13.24 6.81 -11.58
CA LEU A 331 13.81 5.89 -10.61
C LEU A 331 14.51 6.60 -9.46
N ASP A 332 15.07 7.79 -9.70
CA ASP A 332 15.85 8.52 -8.71
C ASP A 332 15.14 9.84 -8.42
N THR A 333 14.55 9.96 -7.22
CA THR A 333 13.80 11.17 -6.91
C THR A 333 14.68 12.41 -6.93
N LYS A 334 15.94 12.28 -6.53
CA LYS A 334 16.84 13.43 -6.52
C LYS A 334 17.09 13.94 -7.93
N LYS A 335 17.02 13.07 -8.93
CA LYS A 335 17.11 13.51 -10.31
C LYS A 335 15.79 14.11 -10.81
N MET A 336 14.71 13.93 -10.07
CA MET A 336 13.48 14.68 -10.31
C MET A 336 13.39 15.94 -9.45
N GLY A 337 14.40 16.20 -8.63
CA GLY A 337 14.44 17.41 -7.84
C GLY A 337 13.84 17.32 -6.46
N TYR A 338 13.73 16.14 -5.88
CA TYR A 338 13.16 16.05 -4.54
C TYR A 338 13.69 14.85 -3.79
N ASP A 339 13.53 14.91 -2.47
CA ASP A 339 13.88 13.82 -1.57
C ASP A 339 12.98 13.92 -0.35
N TYR A 340 13.02 12.90 0.49
CA TYR A 340 12.24 12.88 1.73
C TYR A 340 13.12 13.29 2.91
N GLN A 341 12.53 14.05 3.82
CA GLN A 341 13.22 14.37 5.06
C GLN A 341 13.61 13.07 5.76
N PRO A 342 14.88 12.91 6.16
CA PRO A 342 15.29 11.65 6.79
C PRO A 342 14.48 11.39 8.05
N THR A 343 13.95 10.17 8.14
CA THR A 343 13.01 9.84 9.21
C THR A 343 13.24 8.40 9.61
N ALA A 344 13.24 8.15 10.92
CA ALA A 344 13.51 6.80 11.41
C ALA A 344 12.41 5.84 10.95
N THR A 345 12.78 4.57 10.77
CA THR A 345 11.88 3.52 10.31
C THR A 345 11.89 2.39 11.33
N PRO A 346 11.24 2.57 12.48
CA PRO A 346 11.32 1.58 13.55
C PRO A 346 10.71 0.24 13.20
N TRP A 347 9.92 0.15 12.14
CA TRP A 347 9.38 -1.14 11.73
C TRP A 347 10.45 -2.09 11.22
N ARG A 348 11.65 -1.58 10.92
CA ARG A 348 12.76 -2.45 10.54
C ARG A 348 13.17 -3.37 11.68
N ASN A 349 12.77 -3.05 12.91
CA ASN A 349 13.13 -3.85 14.07
C ASN A 349 12.00 -4.73 14.57
N PHE A 350 10.94 -4.94 13.79
CA PHE A 350 9.76 -5.63 14.28
C PHE A 350 9.63 -7.04 13.72
N LYS A 351 10.74 -7.67 13.40
CA LYS A 351 10.74 -9.11 13.23
C LYS A 351 10.21 -9.72 14.52
N PRO A 352 9.13 -10.51 14.48
CA PRO A 352 8.56 -11.03 15.73
C PRO A 352 9.57 -11.87 16.49
N LYS A 353 9.55 -11.73 17.82
CA LYS A 353 10.49 -12.44 18.68
C LYS A 353 9.87 -13.64 19.39
N THR A 354 8.56 -13.86 19.26
CA THR A 354 7.88 -14.92 19.98
C THR A 354 7.04 -15.73 19.00
N LYS A 355 6.75 -16.97 19.40
CA LYS A 355 5.90 -17.88 18.65
C LYS A 355 4.54 -17.99 19.33
N ALA A 356 3.49 -18.11 18.53
CA ALA A 356 2.16 -18.31 19.08
C ALA A 356 2.01 -19.71 19.64
N SER A 357 2.50 -20.71 18.92
CA SER A 357 2.36 -22.10 19.32
C SER A 357 3.74 -22.76 19.34
N ALA A 358 4.05 -23.45 20.43
CA ALA A 358 5.30 -24.18 20.52
C ALA A 358 5.23 -25.45 19.69
N GLY A 359 6.39 -25.92 19.23
CA GLY A 359 6.46 -27.16 18.49
C GLY A 359 6.01 -27.02 17.04
N LYS A 360 5.75 -28.17 16.42
CA LYS A 360 5.38 -28.27 15.02
C LYS A 360 4.01 -28.91 14.89
N VAL A 361 3.20 -28.38 13.97
CA VAL A 361 1.89 -28.95 13.70
C VAL A 361 2.04 -30.35 13.11
N ASN A 362 1.21 -31.28 13.57
CA ASN A 362 1.12 -32.59 12.92
C ASN A 362 0.34 -32.41 11.62
N THR A 363 1.06 -32.35 10.50
CA THR A 363 0.40 -32.14 9.22
C THR A 363 -0.40 -33.35 8.76
N GLY A 364 -0.30 -34.48 9.45
CA GLY A 364 -1.14 -35.62 9.13
C GLY A 364 -2.56 -35.51 9.62
N SER A 365 -2.83 -34.65 10.59
CA SER A 365 -4.17 -34.49 11.14
C SER A 365 -4.97 -33.41 10.44
N ILE A 366 -4.41 -32.74 9.45
CA ILE A 366 -5.11 -31.70 8.70
C ILE A 366 -5.17 -32.12 7.25
N PRO A 367 -6.14 -31.61 6.49
CA PRO A 367 -6.28 -32.04 5.09
C PRO A 367 -5.19 -31.46 4.23
N PRO A 368 -4.81 -32.13 3.15
CA PRO A 368 -3.89 -31.52 2.19
C PRO A 368 -4.58 -30.41 1.40
N GLU A 369 -3.75 -29.55 0.81
CA GLU A 369 -4.27 -28.50 -0.07
C GLU A 369 -5.19 -29.08 -1.14
N SER A 370 -4.84 -30.25 -1.68
CA SER A 370 -5.62 -30.85 -2.75
C SER A 370 -7.04 -31.21 -2.33
N GLN A 371 -7.28 -31.37 -1.02
CA GLN A 371 -8.59 -31.71 -0.50
C GLN A 371 -9.41 -30.50 -0.10
N VAL A 372 -8.78 -29.32 -0.01
CA VAL A 372 -9.47 -28.12 0.44
C VAL A 372 -9.81 -27.21 -0.74
N PHE A 373 -8.91 -27.09 -1.70
CA PHE A 373 -9.10 -26.17 -2.82
C PHE A 373 -9.45 -26.91 -4.10
N PRO A 374 -10.30 -26.30 -4.96
CA PRO A 374 -10.88 -24.96 -4.86
C PRO A 374 -11.85 -24.79 -3.69
N LEU A 375 -11.62 -23.75 -2.91
CA LEU A 375 -12.44 -23.44 -1.74
C LEU A 375 -13.54 -22.47 -2.13
N ALA A 376 -14.80 -22.91 -2.02
CA ALA A 376 -15.91 -22.08 -2.49
C ALA A 376 -16.15 -20.87 -1.58
N LYS A 377 -15.91 -21.01 -0.28
CA LYS A 377 -16.13 -19.90 0.64
C LYS A 377 -15.23 -20.09 1.85
N LEU A 378 -14.40 -19.09 2.14
CA LEU A 378 -13.58 -19.08 3.35
C LEU A 378 -14.42 -18.44 4.45
N ASP A 379 -15.34 -19.24 4.99
CA ASP A 379 -16.31 -18.72 5.95
C ASP A 379 -15.75 -18.63 7.36
N LYS A 380 -14.71 -19.39 7.66
CA LYS A 380 -14.11 -19.42 8.99
C LYS A 380 -12.68 -19.92 8.84
N ALA A 381 -11.95 -19.89 9.95
CA ALA A 381 -10.55 -20.30 9.92
C ALA A 381 -10.44 -21.76 9.49
N ILE A 382 -9.50 -22.02 8.59
CA ILE A 382 -9.27 -23.38 8.10
C ILE A 382 -7.77 -23.62 7.98
N SER A 383 -7.35 -24.84 8.27
CA SER A 383 -5.95 -25.22 8.25
C SER A 383 -5.76 -26.38 7.28
N PHE A 384 -4.62 -26.40 6.59
CA PHE A 384 -4.34 -27.44 5.60
C PHE A 384 -2.84 -27.59 5.45
N SER A 385 -2.42 -28.78 5.02
CA SER A 385 -1.02 -29.04 4.78
C SER A 385 -0.69 -28.76 3.32
N ILE A 386 0.56 -28.40 3.07
CA ILE A 386 1.01 -28.08 1.71
C ILE A 386 2.45 -28.52 1.56
N ASN A 387 2.78 -29.07 0.40
CA ASN A 387 4.11 -29.60 0.13
C ASN A 387 5.01 -28.53 -0.47
N ARG A 388 6.27 -28.56 -0.09
CA ARG A 388 7.24 -27.62 -0.62
C ARG A 388 7.96 -28.20 -1.82
N PRO A 389 8.37 -27.36 -2.77
CA PRO A 389 9.14 -27.89 -3.91
C PRO A 389 10.48 -28.47 -3.49
N ALA A 390 11.14 -27.88 -2.51
CA ALA A 390 12.39 -28.42 -1.99
C ALA A 390 12.51 -28.07 -0.51
N SER A 391 13.37 -28.81 0.19
CA SER A 391 13.65 -28.56 1.60
C SER A 391 15.15 -28.58 1.83
N SER A 392 15.55 -28.18 3.03
CA SER A 392 16.96 -28.12 3.42
C SER A 392 17.77 -27.29 2.42
N ARG A 393 17.18 -26.18 1.99
CA ARG A 393 17.81 -25.37 0.95
C ARG A 393 19.06 -24.68 1.47
N THR A 394 20.07 -24.57 0.61
CA THR A 394 21.28 -23.84 0.93
C THR A 394 21.07 -22.35 0.67
N GLN A 395 22.08 -21.55 1.01
CA GLN A 395 21.95 -20.11 0.79
C GLN A 395 22.09 -19.75 -0.68
N GLN A 396 22.93 -20.47 -1.43
CA GLN A 396 23.05 -20.18 -2.86
C GLN A 396 21.75 -20.46 -3.60
N GLU A 397 20.96 -21.43 -3.14
CA GLU A 397 19.64 -21.65 -3.71
C GLU A 397 18.69 -20.51 -3.33
N LYS A 398 18.75 -20.05 -2.08
CA LYS A 398 17.92 -18.92 -1.67
C LYS A 398 18.30 -17.66 -2.43
N ASN A 399 19.59 -17.47 -2.69
CA ASN A 399 20.04 -16.31 -3.46
C ASN A 399 19.41 -16.30 -4.85
N ALA A 400 19.29 -17.47 -5.47
CA ALA A 400 18.76 -17.53 -6.83
C ALA A 400 17.25 -17.38 -6.86
N GLN A 401 16.53 -18.18 -6.07
CA GLN A 401 15.08 -18.24 -6.13
C GLN A 401 14.47 -18.06 -4.74
N GLU A 402 13.50 -17.16 -4.63
CA GLU A 402 12.71 -17.04 -3.41
C GLU A 402 11.70 -18.17 -3.34
N GLU A 403 11.45 -18.68 -2.13
CA GLU A 403 10.37 -19.63 -1.89
C GLU A 403 9.09 -18.84 -1.59
N VAL A 404 8.09 -18.98 -2.45
CA VAL A 404 6.92 -18.12 -2.44
C VAL A 404 5.67 -18.96 -2.31
N LEU A 405 4.89 -18.70 -1.25
CA LEU A 405 3.57 -19.30 -1.07
C LEU A 405 2.55 -18.43 -1.79
N THR A 406 1.91 -18.98 -2.82
CA THR A 406 1.03 -18.23 -3.70
C THR A 406 -0.40 -18.72 -3.58
N PHE A 407 -1.33 -17.78 -3.40
CA PHE A 407 -2.76 -18.07 -3.40
C PHE A 407 -3.32 -17.62 -4.74
N ASN A 408 -3.92 -18.55 -5.48
CA ASN A 408 -4.37 -18.33 -6.84
C ASN A 408 -5.88 -18.22 -6.90
N ALA A 409 -6.35 -17.33 -7.77
CA ALA A 409 -7.78 -17.13 -8.04
C ALA A 409 -8.54 -16.77 -6.76
N ILE A 410 -8.07 -15.73 -6.07
CA ILE A 410 -8.87 -15.12 -5.02
C ILE A 410 -10.03 -14.41 -5.68
N LYS A 411 -11.25 -14.86 -5.41
CA LYS A 411 -12.44 -14.31 -6.04
C LYS A 411 -13.39 -13.77 -5.00
N TYR A 412 -14.02 -12.65 -5.32
CA TYR A 412 -14.90 -11.94 -4.40
C TYR A 412 -15.57 -10.83 -5.19
N ASP A 413 -16.59 -10.23 -4.57
CA ASP A 413 -17.26 -9.07 -5.15
C ASP A 413 -16.43 -7.83 -4.84
N ASN A 414 -16.03 -7.11 -5.89
CA ASN A 414 -15.11 -5.99 -5.73
C ASN A 414 -15.73 -4.80 -5.01
N ARG A 415 -17.02 -4.85 -4.66
CA ARG A 415 -17.66 -3.80 -3.89
C ARG A 415 -17.67 -4.09 -2.40
N ASP A 416 -17.33 -5.31 -1.99
CA ASP A 416 -17.28 -5.67 -0.58
C ASP A 416 -15.90 -5.40 0.01
N TYR A 417 -15.88 -5.23 1.33
CA TYR A 417 -14.62 -5.17 2.07
C TYR A 417 -14.13 -6.59 2.29
N ILE A 418 -12.86 -6.83 1.96
CA ILE A 418 -12.26 -8.17 1.99
C ILE A 418 -10.98 -8.11 2.81
N ARG A 419 -10.77 -9.14 3.63
CA ARG A 419 -9.52 -9.29 4.37
C ARG A 419 -9.42 -10.71 4.92
N PHE A 420 -8.30 -11.37 4.67
CA PHE A 420 -7.97 -12.59 5.40
C PHE A 420 -6.49 -12.58 5.72
N ASP A 421 -6.14 -13.30 6.79
CA ASP A 421 -4.78 -13.40 7.28
C ASP A 421 -4.26 -14.81 7.06
N VAL A 422 -2.93 -14.92 6.98
CA VAL A 422 -2.26 -16.17 6.71
C VAL A 422 -1.25 -16.43 7.83
N PHE A 423 -1.31 -17.64 8.39
CA PHE A 423 -0.38 -18.08 9.42
C PHE A 423 0.18 -19.44 9.04
N LEU A 424 1.43 -19.69 9.44
CA LEU A 424 2.06 -20.99 9.27
C LEU A 424 2.18 -21.69 10.62
N ASN A 425 2.01 -23.01 10.61
CA ASN A 425 2.33 -23.84 11.77
C ASN A 425 1.49 -23.49 13.00
N VAL A 426 0.21 -23.18 12.78
CA VAL A 426 -0.74 -23.00 13.88
C VAL A 426 -1.96 -23.86 13.62
N ASP A 427 -3.05 -23.62 14.35
CA ASP A 427 -4.32 -24.29 14.08
C ASP A 427 -5.46 -23.28 13.99
N ASN A 428 -6.70 -23.76 13.92
CA ASN A 428 -7.84 -22.87 13.69
C ASN A 428 -8.13 -21.95 14.86
N ASN A 429 -7.56 -22.22 16.03
CA ASN A 429 -7.79 -21.39 17.22
C ASN A 429 -6.75 -20.30 17.39
N VAL A 430 -5.95 -20.04 16.36
CA VAL A 430 -4.92 -19.00 16.47
C VAL A 430 -5.59 -17.65 16.69
N ASN A 431 -4.99 -16.85 17.58
CA ASN A 431 -5.49 -15.50 17.84
C ASN A 431 -5.01 -14.59 16.72
N ALA A 432 -5.88 -14.30 15.76
CA ALA A 432 -5.50 -13.49 14.62
C ALA A 432 -5.47 -11.99 14.93
N ASN A 433 -5.81 -11.59 16.15
CA ASN A 433 -5.60 -10.21 16.56
C ASN A 433 -4.16 -9.92 16.97
N GLU A 434 -3.34 -10.94 17.19
CA GLU A 434 -1.95 -10.78 17.62
C GLU A 434 -1.05 -11.12 16.45
N LEU A 435 -0.70 -10.11 15.65
CA LEU A 435 0.10 -10.34 14.46
C LEU A 435 1.60 -10.42 14.77
N ASP A 436 2.03 -9.98 15.95
CA ASP A 436 3.45 -10.01 16.32
C ASP A 436 3.87 -11.41 16.77
N LYS A 437 3.76 -12.35 15.84
CA LYS A 437 4.14 -13.73 16.09
C LYS A 437 4.91 -14.25 14.89
N ALA A 438 5.89 -15.12 15.15
CA ALA A 438 6.70 -15.65 14.07
C ALA A 438 5.89 -16.38 13.02
N GLU A 439 4.69 -16.86 13.38
CA GLU A 439 3.85 -17.63 12.46
C GLU A 439 3.04 -16.76 11.51
N PHE A 440 2.87 -15.48 11.81
CA PHE A 440 2.10 -14.60 10.93
C PHE A 440 2.88 -14.35 9.65
N ALA A 441 2.28 -14.70 8.51
CA ALA A 441 2.94 -14.60 7.22
C ALA A 441 2.55 -13.34 6.44
N GLY A 442 1.28 -12.98 6.47
CA GLY A 442 0.83 -11.83 5.71
C GLY A 442 -0.69 -11.80 5.64
N SER A 443 -1.18 -10.89 4.81
CA SER A 443 -2.61 -10.65 4.73
C SER A 443 -2.96 -10.20 3.32
N TYR A 444 -4.21 -10.47 2.93
CA TYR A 444 -4.78 -9.96 1.69
C TYR A 444 -5.95 -9.05 2.02
N THR A 445 -6.03 -7.91 1.34
CA THR A 445 -7.16 -7.00 1.49
C THR A 445 -7.47 -6.37 0.15
N SER A 446 -8.66 -5.76 0.06
CA SER A 446 -9.13 -5.17 -1.18
C SER A 446 -9.77 -3.82 -0.91
N LEU A 447 -9.32 -2.80 -1.62
CA LEU A 447 -9.97 -1.48 -1.60
C LEU A 447 -11.22 -1.52 -2.47
N THR A 459 -17.30 -9.34 -9.78
CA THR A 459 -16.35 -10.36 -9.37
C THR A 459 -14.92 -10.00 -9.78
N ALA A 460 -14.02 -9.92 -8.80
CA ALA A 460 -12.62 -9.68 -9.03
C ALA A 460 -11.82 -10.95 -8.78
N THR A 461 -10.72 -11.10 -9.52
CA THR A 461 -9.80 -12.21 -9.35
C THR A 461 -8.42 -11.66 -9.03
N ALA A 462 -7.77 -12.23 -8.02
CA ALA A 462 -6.52 -11.67 -7.55
C ALA A 462 -5.61 -12.79 -7.06
N THR A 463 -4.34 -12.42 -6.90
CA THR A 463 -3.28 -13.32 -6.45
C THR A 463 -2.61 -12.70 -5.23
N LEU A 464 -2.25 -13.54 -4.27
CA LEU A 464 -1.45 -13.13 -3.12
C LEU A 464 -0.21 -13.99 -3.08
N ARG A 465 0.95 -13.35 -2.90
CA ARG A 465 2.23 -14.03 -2.83
C ARG A 465 2.91 -13.67 -1.52
N LEU A 466 3.43 -14.69 -0.82
CA LEU A 466 4.08 -14.52 0.47
C LEU A 466 5.46 -15.17 0.42
N ALA A 467 6.49 -14.42 0.81
CA ALA A 467 7.84 -14.94 0.88
C ALA A 467 8.05 -15.63 2.23
N ILE A 468 8.21 -16.93 2.21
CA ILE A 468 8.24 -17.64 3.47
C ILE A 468 9.55 -18.14 4.03
N THR A 469 10.61 -17.97 3.29
CA THR A 469 11.90 -18.45 3.78
C THR A 469 12.20 -17.93 5.19
N GLU A 470 11.95 -16.63 5.44
CA GLU A 470 12.22 -16.08 6.76
C GLU A 470 11.41 -16.78 7.84
N LEU A 471 10.15 -17.09 7.57
CA LEU A 471 9.32 -17.75 8.57
C LEU A 471 9.79 -19.18 8.81
N LEU A 472 10.13 -19.91 7.74
CA LEU A 472 10.62 -21.28 7.90
C LEU A 472 11.85 -21.32 8.78
N GLU A 473 12.74 -20.34 8.64
CA GLU A 473 13.92 -20.27 9.49
C GLU A 473 13.53 -20.00 10.94
N ASP A 474 12.72 -18.96 11.16
CA ASP A 474 12.35 -18.56 12.52
C ASP A 474 11.57 -19.66 13.24
N ILE A 475 10.61 -20.27 12.56
CA ILE A 475 9.78 -21.30 13.18
C ILE A 475 10.54 -22.61 13.34
N GLY A 476 11.48 -22.89 12.44
CA GLY A 476 12.25 -24.12 12.49
C GLY A 476 11.70 -25.21 11.60
N LEU A 477 11.26 -24.84 10.40
CA LEU A 477 10.61 -25.77 9.47
C LEU A 477 11.45 -26.01 8.22
N GLU A 478 12.74 -25.67 8.26
CA GLU A 478 13.52 -25.60 7.02
C GLU A 478 13.77 -26.97 6.40
N ASP A 479 13.83 -28.03 7.20
CA ASP A 479 14.01 -29.38 6.68
C ASP A 479 12.69 -30.11 6.47
N GLU A 480 11.56 -29.43 6.66
CA GLU A 480 10.25 -30.07 6.46
C GLU A 480 9.87 -30.04 4.98
N ASP A 481 9.37 -31.18 4.50
CA ASP A 481 8.82 -31.21 3.15
C ASP A 481 7.37 -30.75 3.11
N THR A 482 6.66 -30.82 4.23
CA THR A 482 5.25 -30.43 4.31
C THR A 482 5.04 -29.55 5.52
N ILE A 483 4.25 -28.48 5.34
CA ILE A 483 3.98 -27.53 6.42
C ILE A 483 2.48 -27.26 6.50
N ALA A 484 2.07 -26.70 7.63
CA ALA A 484 0.69 -26.32 7.87
C ALA A 484 0.49 -24.84 7.57
N VAL A 485 -0.62 -24.53 6.90
CA VAL A 485 -1.03 -23.16 6.65
C VAL A 485 -2.44 -22.98 7.18
N THR A 486 -2.69 -21.86 7.84
CA THR A 486 -4.01 -21.53 8.37
C THR A 486 -4.47 -20.19 7.81
N LEU A 487 -5.66 -20.19 7.22
CA LEU A 487 -6.28 -18.98 6.69
C LEU A 487 -7.36 -18.49 7.65
N VAL A 488 -7.29 -17.23 8.02
CA VAL A 488 -8.28 -16.64 8.94
C VAL A 488 -8.99 -15.50 8.24
N PRO A 489 -10.27 -15.65 7.89
CA PRO A 489 -11.01 -14.55 7.28
C PRO A 489 -11.42 -13.53 8.33
N LYS A 490 -11.35 -12.25 7.94
CA LYS A 490 -11.81 -11.16 8.78
C LYS A 490 -13.02 -10.43 8.24
N LYS A 491 -13.20 -10.42 6.91
CA LYS A 491 -14.31 -9.71 6.31
C LYS A 491 -14.48 -10.18 4.88
N GLY A 492 -15.73 -10.34 4.46
CA GLY A 492 -16.08 -10.54 3.07
C GLY A 492 -16.36 -11.99 2.71
N ASP A 493 -16.94 -12.15 1.51
CA ASP A 493 -17.20 -13.46 0.92
C ASP A 493 -16.04 -13.82 0.00
N ILE A 494 -15.23 -14.78 0.42
CA ILE A 494 -13.97 -15.09 -0.25
C ILE A 494 -13.99 -16.53 -0.73
N SER A 495 -13.60 -16.75 -1.98
CA SER A 495 -13.29 -18.07 -2.51
C SER A 495 -11.86 -18.06 -3.01
N ILE A 496 -11.21 -19.23 -2.95
CA ILE A 496 -9.80 -19.36 -3.32
C ILE A 496 -9.67 -20.60 -4.19
N GLY A 497 -9.10 -20.42 -5.38
CA GLY A 497 -9.00 -21.50 -6.35
C GLY A 497 -7.93 -22.53 -6.06
N GLY A 498 -6.76 -22.08 -5.58
CA GLY A 498 -5.67 -23.00 -5.33
C GLY A 498 -4.53 -22.31 -4.61
N VAL A 499 -3.68 -23.13 -3.98
CA VAL A 499 -2.53 -22.65 -3.21
C VAL A 499 -1.32 -23.49 -3.60
N GLU A 500 -0.19 -22.83 -3.81
CA GLU A 500 1.02 -23.52 -4.23
C GLU A 500 2.23 -22.84 -3.62
N ILE A 501 3.30 -23.62 -3.47
CA ILE A 501 4.61 -23.09 -3.09
C ILE A 501 5.53 -23.30 -4.27
N LYS A 502 5.96 -22.22 -4.90
CA LYS A 502 6.84 -22.25 -6.06
C LYS A 502 8.18 -21.63 -5.71
N LEU A 503 9.22 -21.98 -6.47
CA LEU A 503 10.56 -21.40 -6.29
C LEU A 503 10.62 -20.34 -7.37
N ALA A 504 10.64 -19.08 -6.99
CA ALA A 504 10.61 -18.05 -7.99
C ALA A 504 11.86 -17.24 -8.15
N ASP A 505 11.85 -16.48 -9.23
CA ASP A 505 12.87 -15.51 -9.65
C ASP A 505 13.60 -14.85 -8.49
CU CU B . -3.98 5.12 -3.05
CU CU C . -4.08 5.20 -7.25
O O D . -4.47 5.16 -5.46
#